data_3AGV
#
_entry.id   3AGV
#
_cell.length_a   83.587
_cell.length_b   107.238
_cell.length_c   79.458
_cell.angle_alpha   90.00
_cell.angle_beta   90.00
_cell.angle_gamma   90.00
#
_symmetry.space_group_name_H-M   'P 21 21 2'
#
loop_
_entity.id
_entity.type
_entity.pdbx_description
1 polymer 'Ig gamma-1 chain C region'
2 polymer "5'-R(*GP*GP*AP*GP*GP*(UFT)P*GP*(CFZ)P*(UFT)P*(CFZ)P*(CFZ)P*GP*AP*AP*A*GP*GP*AP*AP*(CFZ)P*(UFT)P*(CFZ)P*(CFZ)P*A)-3'"
3 branched alpha-D-galactopyranose-(1-4)-2-acetamido-2-deoxy-alpha-D-glucopyranose-(1-2)-alpha-D-mannopyranose-(1-6)-alpha-D-mannopyranose
4 branched beta-D-galactopyranose-(1-4)-2-acetamido-2-deoxy-beta-D-glucopyranose-(1-2)-alpha-D-mannopyranose-(1-6)-[alpha-D-mannopyranose-(1-3)]beta-D-mannopyranose-(1-4)-2-acetamido-2-deoxy-beta-D-glucopyranose-(1-4)-[beta-L-fucopyranose-(1-6)]2-acetamido-2-deoxy-alpha-D-glucopyranose
5 non-polymer 'CALCIUM ION'
6 water water
#
loop_
_entity_poly.entity_id
_entity_poly.type
_entity_poly.pdbx_seq_one_letter_code
_entity_poly.pdbx_strand_id
1 'polypeptide(L)'
;GPSVFLFPPKPKDTLMISRTPEVTCVVVDVSHEDPEVKFNWYVDGVEVHNAKTKPREEQYNSTYRVVSVLTVLHQDWLNG
KEYKCKVSNKALPAPIEKTISKAKGQPREPQVYTLPPSRDELTKNQVSLTCLVKGFYPSDIAVEWESNGQPENNYKTTPP
VLDSDGSFFLYSKLTVDKSRWQQGNVFSCSVMHEALHNHYTQKSLSLSPGK
;
A,B
2 'polyribonucleotide' GGAGG(UFT)G(CFZ)(UFT)(CFZ)(CFZ)GAAAGGAA(CFZ)(UFT)(CFZ)(CFZ)A S,U
#
# COMPACT_ATOMS: atom_id res chain seq x y z
N PHE A 5 -9.23 18.88 10.71
CA PHE A 5 -8.45 18.24 9.65
C PHE A 5 -8.95 18.65 8.27
N LEU A 6 -8.08 19.33 7.52
CA LEU A 6 -8.43 19.78 6.17
C LEU A 6 -7.94 18.77 5.12
N PHE A 7 -8.88 18.17 4.39
CA PHE A 7 -8.52 17.16 3.40
C PHE A 7 -8.59 17.62 1.93
N PRO A 8 -7.69 17.07 1.09
CA PRO A 8 -7.61 17.40 -0.33
C PRO A 8 -8.66 16.62 -1.12
N PRO A 9 -8.90 17.00 -2.38
CA PRO A 9 -9.87 16.32 -3.22
C PRO A 9 -9.33 15.02 -3.83
N LYS A 10 -10.23 14.24 -4.42
CA LYS A 10 -9.85 12.99 -5.06
C LYS A 10 -9.19 13.26 -6.40
N PRO A 11 -8.04 12.63 -6.66
CA PRO A 11 -7.32 12.82 -7.91
C PRO A 11 -8.23 12.85 -9.15
N LYS A 12 -9.13 11.88 -9.26
CA LYS A 12 -10.05 11.83 -10.40
C LYS A 12 -10.84 13.11 -10.53
N ASP A 13 -11.45 13.52 -9.42
CA ASP A 13 -12.26 14.74 -9.38
C ASP A 13 -11.48 15.90 -9.99
N THR A 14 -10.21 16.00 -9.62
CA THR A 14 -9.35 17.07 -10.13
C THR A 14 -8.91 16.79 -11.55
N LEU A 15 -8.95 15.53 -11.94
CA LEU A 15 -8.53 15.12 -13.28
C LEU A 15 -9.63 15.22 -14.33
N MET A 16 -10.73 14.50 -14.12
CA MET A 16 -11.83 14.52 -15.09
C MET A 16 -12.92 15.54 -14.73
N ILE A 17 -13.28 16.34 -15.73
CA ILE A 17 -14.29 17.39 -15.56
C ILE A 17 -15.65 16.90 -15.08
N SER A 18 -16.09 15.76 -15.59
CA SER A 18 -17.38 15.19 -15.22
C SER A 18 -17.56 15.22 -13.69
N ARG A 19 -16.48 14.98 -12.97
CA ARG A 19 -16.52 15.01 -11.52
C ARG A 19 -16.22 16.41 -11.00
N THR A 20 -16.57 16.66 -9.75
CA THR A 20 -16.32 17.97 -9.15
C THR A 20 -15.40 17.86 -7.93
N PRO A 21 -14.18 18.41 -8.04
CA PRO A 21 -13.21 18.36 -6.95
C PRO A 21 -13.63 19.25 -5.79
N GLU A 22 -13.30 18.84 -4.58
CA GLU A 22 -13.65 19.64 -3.40
C GLU A 22 -12.73 19.39 -2.22
N VAL A 23 -12.51 20.43 -1.42
CA VAL A 23 -11.66 20.33 -0.24
C VAL A 23 -12.62 20.13 0.92
N THR A 24 -12.14 19.59 2.03
CA THR A 24 -13.01 19.37 3.19
C THR A 24 -12.39 19.82 4.51
N CYS A 25 -13.09 20.71 5.20
CA CYS A 25 -12.64 21.25 6.48
C CYS A 25 -13.19 20.43 7.63
N VAL A 26 -13.15 19.11 7.49
CA VAL A 26 -13.64 18.20 8.52
C VAL A 26 -13.15 18.61 9.91
N GLU A 36 -22.30 24.51 17.15
CA GLU A 36 -21.71 25.84 17.15
C GLU A 36 -20.41 25.83 16.35
N VAL A 37 -20.53 25.52 15.07
CA VAL A 37 -19.37 25.47 14.19
C VAL A 37 -19.36 26.63 13.20
N LYS A 38 -18.26 27.39 13.20
CA LYS A 38 -18.12 28.55 12.33
C LYS A 38 -16.99 28.43 11.33
N PHE A 39 -17.32 28.52 10.05
CA PHE A 39 -16.33 28.38 8.98
C PHE A 39 -16.06 29.66 8.19
N ASN A 40 -14.82 29.79 7.71
CA ASN A 40 -14.39 30.94 6.92
C ASN A 40 -13.30 30.46 5.96
N TRP A 41 -13.65 30.28 4.69
CA TRP A 41 -12.69 29.80 3.69
C TRP A 41 -11.98 30.94 2.93
N TYR A 42 -10.72 30.73 2.61
CA TYR A 42 -9.93 31.73 1.88
C TYR A 42 -9.06 31.09 0.81
N VAL A 43 -9.38 31.34 -0.46
CA VAL A 43 -8.60 30.81 -1.57
C VAL A 43 -7.48 31.80 -1.85
N ASP A 44 -6.25 31.44 -1.47
CA ASP A 44 -5.10 32.31 -1.66
C ASP A 44 -5.36 33.63 -0.94
N GLY A 45 -6.11 33.55 0.15
CA GLY A 45 -6.42 34.74 0.93
C GLY A 45 -7.85 35.20 0.72
N VAL A 46 -8.22 35.45 -0.53
CA VAL A 46 -9.56 35.91 -0.87
C VAL A 46 -10.67 35.05 -0.28
N GLU A 47 -11.19 35.46 0.87
CA GLU A 47 -12.29 34.76 1.54
C GLU A 47 -13.40 34.47 0.53
N VAL A 48 -13.95 33.26 0.57
CA VAL A 48 -15.02 32.88 -0.35
C VAL A 48 -16.27 32.45 0.42
N HIS A 49 -17.44 32.58 -0.22
CA HIS A 49 -18.70 32.26 0.43
C HIS A 49 -19.51 31.15 -0.23
N ASN A 50 -18.87 30.32 -1.04
CA ASN A 50 -19.57 29.24 -1.74
C ASN A 50 -19.51 27.88 -1.07
N ALA A 51 -18.88 27.79 0.10
CA ALA A 51 -18.77 26.53 0.81
C ALA A 51 -20.16 26.01 1.18
N LYS A 52 -20.22 24.78 1.65
CA LYS A 52 -21.48 24.15 2.05
C LYS A 52 -21.16 23.07 3.08
N THR A 53 -22.01 22.92 4.09
CA THR A 53 -21.78 21.92 5.13
C THR A 53 -22.90 20.87 5.12
N LYS A 54 -22.70 19.79 5.85
CA LYS A 54 -23.69 18.71 5.95
C LYS A 54 -24.20 18.63 7.38
N PRO A 55 -24.98 17.58 7.72
CA PRO A 55 -25.49 17.47 9.09
C PRO A 55 -24.34 17.49 10.11
N ARG A 56 -24.52 16.82 11.24
CA ARG A 56 -23.46 16.83 12.24
C ARG A 56 -23.16 15.50 12.88
N GLU A 57 -22.28 15.56 13.87
CA GLU A 57 -21.82 14.41 14.62
C GLU A 57 -22.15 14.63 16.09
N GLU A 58 -21.11 14.73 16.92
CA GLU A 58 -21.31 14.96 18.35
C GLU A 58 -20.12 15.71 18.95
N GLN A 59 -19.96 15.53 20.26
CA GLN A 59 -18.90 16.19 21.03
C GLN A 59 -18.28 17.44 20.40
N TYR A 60 -16.96 17.38 20.18
CA TYR A 60 -16.21 18.49 19.61
C TYR A 60 -16.87 19.04 18.34
N VAL A 66 -16.39 20.97 12.07
CA VAL A 66 -16.57 19.63 11.54
C VAL A 66 -17.48 19.63 10.31
N VAL A 67 -17.11 18.85 9.30
CA VAL A 67 -17.83 18.74 8.04
C VAL A 67 -17.49 19.95 7.17
N SER A 68 -18.44 20.45 6.39
CA SER A 68 -18.21 21.61 5.51
C SER A 68 -17.28 21.29 4.34
N VAL A 69 -17.75 21.55 3.12
CA VAL A 69 -16.95 21.29 1.92
C VAL A 69 -16.94 22.45 0.93
N LEU A 70 -15.76 22.73 0.39
CA LEU A 70 -15.57 23.81 -0.57
C LEU A 70 -15.21 23.24 -1.94
N THR A 71 -16.15 23.26 -2.87
CA THR A 71 -15.85 22.75 -4.20
C THR A 71 -14.89 23.70 -4.88
N VAL A 72 -13.70 23.18 -5.17
CA VAL A 72 -12.65 23.96 -5.82
C VAL A 72 -12.75 23.80 -7.33
N LEU A 73 -12.04 24.65 -8.07
CA LEU A 73 -12.05 24.57 -9.52
C LEU A 73 -10.86 23.77 -10.01
N HIS A 74 -11.13 22.82 -10.90
CA HIS A 74 -10.09 21.95 -11.45
C HIS A 74 -8.81 22.71 -11.71
N GLN A 75 -8.91 23.75 -12.52
CA GLN A 75 -7.74 24.54 -12.90
C GLN A 75 -7.06 25.23 -11.72
N ASP A 76 -7.82 25.64 -10.71
CA ASP A 76 -7.22 26.31 -9.55
C ASP A 76 -6.33 25.36 -8.76
N TRP A 77 -6.92 24.25 -8.35
CA TRP A 77 -6.20 23.24 -7.58
C TRP A 77 -4.94 22.80 -8.33
N LEU A 78 -5.08 22.66 -9.65
CA LEU A 78 -3.99 22.25 -10.50
C LEU A 78 -2.83 23.23 -10.43
N ASN A 79 -3.16 24.51 -10.32
CA ASN A 79 -2.15 25.55 -10.24
C ASN A 79 -1.76 25.82 -8.79
N GLY A 80 -1.89 24.78 -7.96
CA GLY A 80 -1.53 24.86 -6.56
C GLY A 80 -2.04 26.02 -5.73
N LYS A 81 -3.28 26.44 -5.96
CA LYS A 81 -3.82 27.53 -5.15
C LYS A 81 -3.90 27.06 -3.71
N GLU A 82 -3.89 28.01 -2.78
CA GLU A 82 -3.97 27.70 -1.35
C GLU A 82 -5.42 27.62 -0.93
N TYR A 83 -5.71 26.83 0.10
CA TYR A 83 -7.07 26.68 0.58
C TYR A 83 -7.08 26.45 2.09
N LYS A 84 -7.67 27.39 2.84
CA LYS A 84 -7.73 27.24 4.29
C LYS A 84 -9.12 27.56 4.82
N CYS A 85 -9.36 27.20 6.07
CA CYS A 85 -10.66 27.45 6.70
C CYS A 85 -10.48 27.69 8.19
N LYS A 98 -5.94 26.14 9.12
CA LYS A 98 -5.31 25.09 8.34
C LYS A 98 -5.41 25.34 6.84
N THR A 99 -4.27 25.48 6.18
CA THR A 99 -4.22 25.71 4.74
C THR A 99 -3.95 24.36 4.06
N ILE A 100 -4.29 24.26 2.78
CA ILE A 100 -4.08 23.02 2.04
C ILE A 100 -3.98 23.31 0.54
N SER A 101 -3.16 22.53 -0.16
CA SER A 101 -3.02 22.71 -1.59
C SER A 101 -2.42 21.45 -2.23
N LYS A 102 -2.08 21.56 -3.51
CA LYS A 102 -1.50 20.45 -4.24
C LYS A 102 -0.06 20.22 -3.79
N ALA A 103 0.35 18.96 -3.77
CA ALA A 103 1.71 18.61 -3.37
C ALA A 103 2.71 19.41 -4.18
N LYS A 104 3.85 19.74 -3.58
CA LYS A 104 4.85 20.51 -4.31
C LYS A 104 5.94 19.67 -4.94
N GLY A 105 6.62 20.26 -5.91
CA GLY A 105 7.68 19.56 -6.59
C GLY A 105 7.42 19.56 -8.08
N GLN A 106 8.44 19.24 -8.85
CA GLN A 106 8.29 19.19 -10.29
C GLN A 106 7.50 17.94 -10.69
N PRO A 107 6.39 18.11 -11.41
CA PRO A 107 5.60 16.94 -11.84
C PRO A 107 6.39 16.17 -12.90
N ARG A 108 6.28 14.84 -12.86
CA ARG A 108 6.95 13.95 -13.81
C ARG A 108 5.89 13.09 -14.51
N GLU A 109 6.00 12.92 -15.82
CA GLU A 109 5.00 12.15 -16.54
C GLU A 109 5.20 10.64 -16.44
N PRO A 110 4.09 9.90 -16.31
CA PRO A 110 4.08 8.45 -16.20
C PRO A 110 4.49 7.75 -17.50
N GLN A 111 5.13 6.59 -17.35
CA GLN A 111 5.50 5.74 -18.47
C GLN A 111 4.50 4.60 -18.22
N VAL A 112 3.74 4.20 -19.23
CA VAL A 112 2.74 3.15 -19.09
C VAL A 112 3.11 1.90 -19.86
N TYR A 113 3.15 0.75 -19.19
CA TYR A 113 3.50 -0.51 -19.84
C TYR A 113 2.48 -1.61 -19.55
N THR A 114 2.03 -2.31 -20.59
CA THR A 114 1.09 -3.41 -20.38
C THR A 114 1.83 -4.73 -20.47
N LEU A 115 1.48 -5.64 -19.56
CA LEU A 115 2.12 -6.95 -19.49
C LEU A 115 1.07 -8.05 -19.58
N PRO A 116 1.28 -9.04 -20.44
CA PRO A 116 0.33 -10.13 -20.60
C PRO A 116 0.49 -11.12 -19.45
N PRO A 117 -0.43 -12.09 -19.34
CA PRO A 117 -0.31 -13.04 -18.25
C PRO A 117 0.88 -13.99 -18.39
N SER A 118 1.36 -14.49 -17.24
CA SER A 118 2.44 -15.45 -17.22
C SER A 118 1.92 -16.71 -17.90
N ARG A 119 2.81 -17.43 -18.58
CA ARG A 119 2.43 -18.67 -19.26
C ARG A 119 1.86 -19.64 -18.24
N ASP A 120 2.40 -19.58 -17.04
CA ASP A 120 1.97 -20.44 -15.94
C ASP A 120 0.56 -20.13 -15.51
N GLU A 121 0.10 -18.92 -15.77
CA GLU A 121 -1.25 -18.57 -15.37
C GLU A 121 -2.27 -19.06 -16.38
N LEU A 122 -1.79 -19.43 -17.57
CA LEU A 122 -2.65 -19.90 -18.64
C LEU A 122 -3.42 -21.18 -18.39
N THR A 123 -3.22 -21.80 -17.22
CA THR A 123 -3.94 -23.02 -16.92
C THR A 123 -5.13 -22.74 -16.01
N LYS A 124 -5.21 -21.51 -15.52
CA LYS A 124 -6.30 -21.11 -14.65
C LYS A 124 -7.51 -20.69 -15.48
N ASN A 125 -8.67 -20.59 -14.82
CA ASN A 125 -9.90 -20.19 -15.49
C ASN A 125 -9.87 -18.70 -15.84
N GLN A 126 -9.19 -17.90 -15.01
CA GLN A 126 -9.07 -16.48 -15.30
C GLN A 126 -7.59 -16.15 -15.34
N VAL A 127 -7.24 -15.11 -16.09
CA VAL A 127 -5.86 -14.67 -16.19
C VAL A 127 -5.76 -13.21 -15.82
N SER A 128 -4.54 -12.77 -15.51
CA SER A 128 -4.29 -11.41 -15.10
C SER A 128 -3.64 -10.57 -16.20
N LEU A 129 -4.22 -9.42 -16.49
CA LEU A 129 -3.66 -8.51 -17.47
C LEU A 129 -3.10 -7.39 -16.60
N THR A 130 -1.82 -7.08 -16.82
CA THR A 130 -1.12 -6.10 -16.00
C THR A 130 -0.69 -4.79 -16.61
N CYS A 131 -0.97 -3.72 -15.88
CA CYS A 131 -0.58 -2.41 -16.33
C CYS A 131 0.43 -1.80 -15.35
N LEU A 132 1.65 -1.53 -15.80
CA LEU A 132 2.64 -0.91 -14.93
C LEU A 132 2.72 0.58 -15.26
N VAL A 133 2.55 1.40 -14.24
CA VAL A 133 2.61 2.86 -14.40
C VAL A 133 3.75 3.35 -13.50
N LYS A 134 4.83 3.86 -14.09
CA LYS A 134 5.97 4.31 -13.30
C LYS A 134 6.55 5.65 -13.68
N GLY A 135 7.26 6.24 -12.73
CA GLY A 135 7.91 7.52 -12.96
C GLY A 135 7.04 8.75 -12.84
N PHE A 136 5.93 8.67 -12.12
CA PHE A 136 5.08 9.83 -12.01
C PHE A 136 5.16 10.59 -10.70
N TYR A 137 4.82 11.87 -10.76
CA TYR A 137 4.79 12.75 -9.60
C TYR A 137 3.97 13.97 -9.98
N PRO A 138 3.05 14.41 -9.10
CA PRO A 138 2.72 13.85 -7.78
C PRO A 138 2.12 12.45 -7.87
N SER A 139 1.79 11.87 -6.72
CA SER A 139 1.21 10.53 -6.69
C SER A 139 -0.27 10.51 -7.08
N ASP A 140 -0.91 11.67 -7.17
CA ASP A 140 -2.32 11.71 -7.56
C ASP A 140 -2.49 11.23 -8.99
N ILE A 141 -3.18 10.10 -9.14
CA ILE A 141 -3.36 9.52 -10.45
C ILE A 141 -4.61 8.64 -10.44
N ALA A 142 -5.09 8.27 -11.63
CA ALA A 142 -6.25 7.39 -11.76
C ALA A 142 -5.97 6.47 -12.94
N VAL A 143 -6.10 5.17 -12.71
CA VAL A 143 -5.86 4.16 -13.74
C VAL A 143 -7.09 3.29 -13.91
N GLU A 144 -7.48 3.07 -15.17
CA GLU A 144 -8.65 2.25 -15.47
C GLU A 144 -8.34 1.26 -16.57
N TRP A 145 -9.26 0.31 -16.73
CA TRP A 145 -9.15 -0.69 -17.77
C TRP A 145 -10.46 -0.69 -18.57
N GLU A 146 -10.35 -0.88 -19.87
CA GLU A 146 -11.54 -0.92 -20.72
C GLU A 146 -11.28 -1.86 -21.88
N SER A 147 -12.33 -2.08 -22.66
CA SER A 147 -12.29 -2.91 -23.85
C SER A 147 -13.46 -2.45 -24.70
N ASN A 148 -13.22 -2.26 -26.00
CA ASN A 148 -14.27 -1.80 -26.91
C ASN A 148 -14.88 -0.49 -26.39
N GLY A 149 -14.03 0.39 -25.87
CA GLY A 149 -14.49 1.68 -25.34
C GLY A 149 -15.39 1.56 -24.12
N GLN A 150 -15.44 0.37 -23.52
CA GLN A 150 -16.28 0.13 -22.35
C GLN A 150 -15.42 -0.21 -21.15
N PRO A 151 -15.70 0.41 -19.99
CA PRO A 151 -14.92 0.14 -18.78
C PRO A 151 -15.02 -1.33 -18.36
N GLU A 152 -13.88 -1.90 -17.98
CA GLU A 152 -13.86 -3.27 -17.54
C GLU A 152 -14.26 -3.25 -16.07
N ASN A 153 -14.86 -4.33 -15.63
CA ASN A 153 -15.31 -4.41 -14.25
C ASN A 153 -14.26 -4.92 -13.25
N ASN A 154 -13.86 -6.16 -13.46
CA ASN A 154 -12.95 -6.84 -12.57
C ASN A 154 -11.47 -6.46 -12.60
N TYR A 155 -11.13 -5.27 -12.09
CA TYR A 155 -9.74 -4.86 -12.04
C TYR A 155 -9.50 -4.13 -10.72
N LYS A 156 -8.27 -4.22 -10.22
CA LYS A 156 -7.86 -3.57 -8.98
C LYS A 156 -6.51 -2.90 -9.20
N THR A 157 -6.33 -1.71 -8.63
CA THR A 157 -5.09 -0.94 -8.75
C THR A 157 -4.41 -0.75 -7.39
N THR A 158 -3.11 -1.00 -7.33
CA THR A 158 -2.38 -0.82 -6.08
C THR A 158 -2.26 0.68 -5.79
N PRO A 159 -1.95 1.04 -4.54
CA PRO A 159 -1.80 2.46 -4.22
C PRO A 159 -0.48 2.87 -4.84
N PRO A 160 -0.22 4.16 -4.97
CA PRO A 160 1.08 4.53 -5.55
C PRO A 160 2.20 4.16 -4.57
N VAL A 161 3.34 3.73 -5.10
CA VAL A 161 4.48 3.35 -4.27
C VAL A 161 5.70 4.21 -4.63
N LEU A 162 6.42 4.66 -3.61
CA LEU A 162 7.59 5.49 -3.84
C LEU A 162 8.74 4.65 -4.35
N ASP A 163 9.28 5.04 -5.49
CA ASP A 163 10.39 4.36 -6.11
C ASP A 163 11.65 5.01 -5.54
N SER A 164 12.81 4.44 -5.87
CA SER A 164 14.07 4.96 -5.37
C SER A 164 14.56 6.25 -6.02
N ASP A 165 13.90 6.71 -7.08
CA ASP A 165 14.32 7.92 -7.77
C ASP A 165 13.47 9.15 -7.46
N GLY A 166 12.63 9.06 -6.43
CA GLY A 166 11.80 10.19 -6.07
C GLY A 166 10.41 10.19 -6.70
N SER A 167 10.21 9.41 -7.75
CA SER A 167 8.91 9.33 -8.40
C SER A 167 8.12 8.16 -7.79
N PHE A 168 6.87 7.99 -8.23
CA PHE A 168 6.02 6.90 -7.76
C PHE A 168 5.71 5.91 -8.88
N PHE A 169 5.20 4.75 -8.51
CA PHE A 169 4.78 3.76 -9.49
C PHE A 169 3.64 2.97 -8.88
N LEU A 170 2.86 2.32 -9.72
CA LEU A 170 1.77 1.47 -9.24
C LEU A 170 1.52 0.42 -10.30
N TYR A 171 0.67 -0.56 -9.97
CA TYR A 171 0.32 -1.59 -10.94
C TYR A 171 -1.19 -1.71 -10.85
N SER A 172 -1.83 -1.99 -11.98
CA SER A 172 -3.26 -2.20 -11.99
C SER A 172 -3.48 -3.56 -12.65
N LYS A 173 -4.21 -4.43 -11.97
CA LYS A 173 -4.47 -5.78 -12.47
C LYS A 173 -5.90 -6.00 -12.96
N LEU A 174 -6.02 -6.38 -14.22
CA LEU A 174 -7.33 -6.68 -14.81
C LEU A 174 -7.47 -8.20 -14.82
N THR A 175 -8.63 -8.70 -14.38
CA THR A 175 -8.85 -10.13 -14.38
C THR A 175 -9.98 -10.41 -15.35
N VAL A 176 -9.74 -11.31 -16.30
CA VAL A 176 -10.75 -11.67 -17.28
C VAL A 176 -10.76 -13.17 -17.51
N ASP A 177 -11.88 -13.68 -18.00
CA ASP A 177 -12.01 -15.10 -18.31
C ASP A 177 -10.89 -15.44 -19.29
N LYS A 178 -10.24 -16.56 -19.06
CA LYS A 178 -9.15 -17.02 -19.92
C LYS A 178 -9.55 -16.97 -21.40
N SER A 179 -10.79 -17.31 -21.72
CA SER A 179 -11.26 -17.32 -23.10
C SER A 179 -11.34 -15.94 -23.77
N ARG A 180 -11.58 -14.89 -23.00
CA ARG A 180 -11.66 -13.56 -23.56
C ARG A 180 -10.25 -13.14 -24.01
N TRP A 181 -9.24 -13.63 -23.31
CA TRP A 181 -7.87 -13.31 -23.67
C TRP A 181 -7.40 -14.09 -24.91
N GLN A 182 -7.51 -15.42 -24.85
CA GLN A 182 -7.08 -16.28 -25.96
C GLN A 182 -7.84 -16.05 -27.26
N GLN A 183 -9.09 -15.64 -27.18
CA GLN A 183 -9.86 -15.41 -28.40
C GLN A 183 -9.62 -14.05 -29.09
N GLY A 184 -8.56 -13.36 -28.69
CA GLY A 184 -8.18 -12.11 -29.33
C GLY A 184 -8.72 -10.77 -28.88
N ASN A 185 -9.54 -10.71 -27.84
CA ASN A 185 -10.07 -9.43 -27.39
C ASN A 185 -8.95 -8.46 -27.00
N VAL A 186 -9.10 -7.19 -27.34
CA VAL A 186 -8.08 -6.19 -27.01
C VAL A 186 -8.49 -5.30 -25.85
N PHE A 187 -7.60 -5.18 -24.88
CA PHE A 187 -7.85 -4.40 -23.69
C PHE A 187 -6.93 -3.21 -23.58
N SER A 188 -7.42 -2.15 -22.96
CA SER A 188 -6.64 -0.94 -22.82
C SER A 188 -6.57 -0.46 -21.39
N CYS A 189 -5.37 -0.06 -21.02
CA CYS A 189 -5.09 0.49 -19.71
C CYS A 189 -5.11 2.01 -19.90
N SER A 190 -5.99 2.70 -19.20
CA SER A 190 -6.06 4.15 -19.33
C SER A 190 -5.49 4.81 -18.08
N VAL A 191 -4.68 5.85 -18.30
CA VAL A 191 -4.05 6.55 -17.21
C VAL A 191 -4.30 8.04 -17.30
N MET A 192 -4.72 8.63 -16.18
CA MET A 192 -4.95 10.07 -16.13
C MET A 192 -4.03 10.67 -15.10
N HIS A 193 -3.29 11.70 -15.52
CA HIS A 193 -2.32 12.36 -14.65
C HIS A 193 -2.01 13.74 -15.23
N GLU A 194 -1.81 14.71 -14.34
CA GLU A 194 -1.53 16.08 -14.75
C GLU A 194 -0.30 16.27 -15.65
N ALA A 195 0.75 15.48 -15.43
CA ALA A 195 1.96 15.62 -16.24
C ALA A 195 1.87 15.00 -17.64
N LEU A 196 0.76 14.34 -17.95
CA LEU A 196 0.59 13.75 -19.27
C LEU A 196 0.00 14.78 -20.21
N HIS A 197 0.35 14.68 -21.49
CA HIS A 197 -0.19 15.60 -22.49
C HIS A 197 -1.71 15.35 -22.45
N ASN A 198 -2.49 16.41 -22.35
CA ASN A 198 -3.95 16.26 -22.28
C ASN A 198 -4.36 15.51 -21.00
N HIS A 199 -3.40 15.30 -20.10
CA HIS A 199 -3.66 14.62 -18.82
C HIS A 199 -4.18 13.20 -18.97
N TYR A 200 -3.98 12.60 -20.13
CA TYR A 200 -4.49 11.25 -20.31
C TYR A 200 -3.67 10.51 -21.35
N THR A 201 -3.61 9.20 -21.23
CA THR A 201 -2.92 8.35 -22.18
C THR A 201 -3.48 6.96 -21.97
N GLN A 202 -3.22 6.07 -22.90
CA GLN A 202 -3.69 4.69 -22.77
C GLN A 202 -2.77 3.78 -23.56
N LYS A 203 -2.76 2.51 -23.19
CA LYS A 203 -1.94 1.51 -23.86
C LYS A 203 -2.82 0.28 -23.98
N SER A 204 -2.71 -0.41 -25.11
CA SER A 204 -3.53 -1.58 -25.34
C SER A 204 -2.79 -2.86 -25.04
N LEU A 205 -3.53 -3.95 -24.97
CA LEU A 205 -2.95 -5.24 -24.67
C LEU A 205 -3.82 -6.33 -25.27
N SER A 206 -3.21 -7.21 -26.06
CA SER A 206 -3.93 -8.32 -26.66
C SER A 206 -2.96 -9.47 -26.96
N LEU A 207 -3.53 -10.66 -27.12
CA LEU A 207 -2.75 -11.86 -27.42
C LEU A 207 -1.91 -11.68 -28.69
N GLY B 1 -4.30 11.14 28.63
CA GLY B 1 -3.06 10.42 29.03
C GLY B 1 -2.23 10.00 27.85
N PRO B 2 -1.15 9.25 28.07
CA PRO B 2 -0.29 8.80 26.96
C PRO B 2 -1.10 7.96 25.98
N SER B 3 -0.50 7.70 24.82
CA SER B 3 -1.15 6.88 23.79
C SER B 3 -0.49 5.50 23.70
N VAL B 4 -1.22 4.53 23.18
CA VAL B 4 -0.70 3.17 23.06
C VAL B 4 -0.89 2.57 21.65
N PHE B 5 0.06 1.75 21.25
CA PHE B 5 0.00 1.10 19.94
C PHE B 5 0.61 -0.30 20.00
N LEU B 6 -0.16 -1.29 19.52
CA LEU B 6 0.28 -2.69 19.51
C LEU B 6 0.71 -3.11 18.09
N PHE B 7 1.96 -3.55 17.96
CA PHE B 7 2.48 -3.97 16.66
C PHE B 7 2.64 -5.48 16.57
N PRO B 8 2.21 -6.06 15.43
CA PRO B 8 2.33 -7.51 15.24
C PRO B 8 3.76 -7.85 14.86
N PRO B 9 4.09 -9.14 14.77
CA PRO B 9 5.45 -9.51 14.40
C PRO B 9 5.70 -9.40 12.91
N LYS B 10 6.97 -9.48 12.53
CA LYS B 10 7.35 -9.43 11.12
C LYS B 10 6.92 -10.74 10.51
N PRO B 11 6.24 -10.69 9.36
CA PRO B 11 5.78 -11.93 8.71
C PRO B 11 6.86 -12.99 8.59
N LYS B 12 8.06 -12.56 8.20
CA LYS B 12 9.16 -13.50 8.04
C LYS B 12 9.57 -14.13 9.39
N ASP B 13 9.37 -13.40 10.49
CA ASP B 13 9.73 -13.90 11.83
C ASP B 13 8.83 -15.03 12.31
N THR B 14 7.56 -14.96 11.96
CA THR B 14 6.61 -15.98 12.37
C THR B 14 6.71 -17.23 11.49
N LEU B 15 7.36 -17.11 10.34
CA LEU B 15 7.48 -18.22 9.39
C LEU B 15 8.77 -19.03 9.42
N MET B 16 9.82 -18.52 10.07
CA MET B 16 11.08 -19.22 10.11
C MET B 16 11.47 -19.55 11.53
N ILE B 17 11.80 -20.81 11.77
CA ILE B 17 12.20 -21.26 13.08
C ILE B 17 13.51 -20.59 13.52
N SER B 18 14.33 -20.22 12.54
CA SER B 18 15.59 -19.57 12.85
C SER B 18 15.40 -18.13 13.33
N ARG B 19 14.15 -17.67 13.36
CA ARG B 19 13.87 -16.30 13.80
C ARG B 19 12.90 -16.36 14.97
N THR B 20 12.82 -15.26 15.71
CA THR B 20 11.93 -15.21 16.87
C THR B 20 10.94 -14.08 16.76
N PRO B 21 9.67 -14.40 16.51
CA PRO B 21 8.64 -13.38 16.38
C PRO B 21 8.34 -12.72 17.72
N GLU B 22 7.82 -11.50 17.67
CA GLU B 22 7.47 -10.81 18.90
C GLU B 22 6.45 -9.70 18.65
N VAL B 23 5.68 -9.39 19.69
CA VAL B 23 4.66 -8.35 19.65
C VAL B 23 5.22 -7.14 20.38
N THR B 24 4.89 -5.94 19.91
CA THR B 24 5.42 -4.72 20.51
C THR B 24 4.35 -3.72 20.96
N CYS B 25 4.43 -3.34 22.23
CA CYS B 25 3.50 -2.38 22.80
C CYS B 25 4.27 -1.09 23.06
N VAL B 26 3.97 -0.07 22.27
CA VAL B 26 4.64 1.22 22.37
C VAL B 26 3.75 2.26 23.03
N VAL B 27 4.30 3.01 23.97
CA VAL B 27 3.53 4.04 24.67
C VAL B 27 4.17 5.41 24.50
N VAL B 28 3.44 6.32 23.85
CA VAL B 28 3.91 7.68 23.61
C VAL B 28 3.01 8.64 24.39
N ASP B 29 3.33 9.92 24.35
CA ASP B 29 2.55 10.92 25.07
C ASP B 29 2.60 10.70 26.57
N VAL B 30 3.75 10.25 27.07
CA VAL B 30 3.90 10.02 28.50
C VAL B 30 4.37 11.29 29.19
N SER B 31 3.69 11.65 30.27
CA SER B 31 4.01 12.85 31.03
C SER B 31 5.19 12.64 31.97
N HIS B 32 5.70 13.73 32.52
CA HIS B 32 6.82 13.67 33.44
C HIS B 32 6.29 13.64 34.86
N GLU B 33 5.06 14.10 35.05
CA GLU B 33 4.42 14.09 36.36
C GLU B 33 4.52 12.66 36.84
N ASP B 34 4.20 11.74 35.93
CA ASP B 34 4.28 10.32 36.22
C ASP B 34 4.75 9.60 34.98
N PRO B 35 6.06 9.54 34.76
CA PRO B 35 6.60 8.86 33.58
C PRO B 35 6.60 7.35 33.83
N GLU B 36 6.02 6.96 34.96
CA GLU B 36 5.94 5.55 35.34
C GLU B 36 4.83 4.88 34.55
N VAL B 37 5.17 3.77 33.90
CA VAL B 37 4.22 3.01 33.10
C VAL B 37 4.30 1.52 33.41
N LYS B 38 3.16 0.88 33.61
CA LYS B 38 3.15 -0.54 33.89
C LYS B 38 2.51 -1.33 32.76
N PHE B 39 3.08 -2.47 32.44
CA PHE B 39 2.56 -3.32 31.38
C PHE B 39 2.09 -4.65 31.92
N ASN B 40 1.00 -5.15 31.36
CA ASN B 40 0.49 -6.46 31.74
C ASN B 40 0.16 -7.14 30.42
N TRP B 41 0.71 -8.33 30.22
CA TRP B 41 0.46 -9.05 28.98
C TRP B 41 -0.38 -10.29 29.20
N TYR B 42 -1.20 -10.61 28.21
CA TYR B 42 -2.07 -11.77 28.27
C TYR B 42 -2.14 -12.45 26.91
N VAL B 43 -2.03 -13.78 26.93
CA VAL B 43 -2.12 -14.61 25.72
C VAL B 43 -3.45 -15.35 25.85
N ASP B 44 -4.46 -14.89 25.11
CA ASP B 44 -5.77 -15.49 25.17
C ASP B 44 -6.25 -15.54 26.62
N GLY B 45 -6.31 -14.37 27.26
CA GLY B 45 -6.75 -14.30 28.63
C GLY B 45 -5.68 -14.46 29.69
N VAL B 46 -4.85 -15.49 29.55
CA VAL B 46 -3.79 -15.77 30.51
C VAL B 46 -2.65 -14.76 30.49
N GLU B 47 -2.33 -14.23 31.67
CA GLU B 47 -1.26 -13.25 31.79
C GLU B 47 0.09 -13.95 31.76
N VAL B 48 1.01 -13.39 30.97
CA VAL B 48 2.36 -13.94 30.88
C VAL B 48 3.30 -12.94 31.52
N HIS B 49 4.48 -13.40 31.91
CA HIS B 49 5.45 -12.52 32.58
C HIS B 49 6.80 -12.41 31.90
N ASN B 50 6.93 -13.00 30.72
CA ASN B 50 8.19 -12.99 30.00
C ASN B 50 8.47 -11.76 29.14
N ALA B 51 7.64 -10.72 29.28
CA ALA B 51 7.84 -9.51 28.49
C ALA B 51 9.08 -8.72 28.88
N LYS B 52 9.71 -8.10 27.88
CA LYS B 52 10.91 -7.30 28.10
C LYS B 52 10.60 -5.83 27.86
N THR B 53 10.57 -5.06 28.93
CA THR B 53 10.28 -3.63 28.83
C THR B 53 11.58 -2.85 28.78
N LYS B 54 11.63 -1.87 27.89
CA LYS B 54 12.83 -1.03 27.76
C LYS B 54 12.61 0.27 28.50
N PRO B 55 13.67 0.78 29.17
CA PRO B 55 13.55 2.04 29.91
C PRO B 55 13.02 3.15 29.04
N ARG B 56 12.27 4.06 29.65
CA ARG B 56 11.66 5.19 28.96
C ARG B 56 12.66 5.93 28.07
N GLU B 57 12.16 6.54 27.01
CA GLU B 57 13.01 7.28 26.08
C GLU B 57 12.57 8.74 25.97
N GLU B 58 13.52 9.64 26.19
CA GLU B 58 13.23 11.07 26.10
C GLU B 58 13.02 11.46 24.65
N GLN B 59 11.79 11.85 24.31
CA GLN B 59 11.47 12.25 22.95
C GLN B 59 11.65 13.75 22.76
N TYR B 60 12.07 14.14 21.56
CA TYR B 60 12.28 15.54 21.22
C TYR B 60 11.12 16.43 21.68
N ASN B 61 9.90 15.91 21.55
CA ASN B 61 8.71 16.65 21.94
C ASN B 61 8.48 16.72 23.45
N SER B 62 9.57 16.73 24.21
CA SER B 62 9.51 16.80 25.66
C SER B 62 8.57 15.76 26.29
N THR B 63 8.59 14.54 25.76
CA THR B 63 7.75 13.46 26.28
C THR B 63 8.51 12.14 26.32
N TYR B 64 7.87 11.12 26.88
CA TYR B 64 8.49 9.81 26.97
C TYR B 64 7.83 8.76 26.09
N ARG B 65 8.66 7.88 25.57
CA ARG B 65 8.20 6.77 24.74
C ARG B 65 8.71 5.52 25.44
N VAL B 66 7.78 4.71 25.94
CA VAL B 66 8.17 3.50 26.65
C VAL B 66 7.71 2.27 25.88
N VAL B 67 8.63 1.31 25.73
CA VAL B 67 8.34 0.10 24.98
C VAL B 67 8.49 -1.21 25.75
N SER B 68 7.56 -2.12 25.48
CA SER B 68 7.56 -3.45 26.08
C SER B 68 7.44 -4.43 24.92
N VAL B 69 8.37 -5.36 24.83
CA VAL B 69 8.35 -6.36 23.77
C VAL B 69 8.04 -7.73 24.33
N LEU B 70 7.05 -8.39 23.75
CA LEU B 70 6.70 -9.74 24.20
C LEU B 70 7.02 -10.77 23.13
N THR B 71 7.79 -11.77 23.51
CA THR B 71 8.16 -12.83 22.62
C THR B 71 6.97 -13.76 22.47
N VAL B 72 6.65 -14.13 21.24
CA VAL B 72 5.54 -15.03 21.00
C VAL B 72 6.06 -16.28 20.30
N LEU B 73 5.31 -17.37 20.39
CA LEU B 73 5.68 -18.64 19.76
C LEU B 73 5.11 -18.69 18.34
N HIS B 74 5.93 -19.14 17.39
CA HIS B 74 5.51 -19.24 16.00
C HIS B 74 4.11 -19.86 15.85
N GLN B 75 3.95 -21.09 16.32
CA GLN B 75 2.68 -21.78 16.20
C GLN B 75 1.51 -21.06 16.88
N ASP B 76 1.77 -20.43 18.02
CA ASP B 76 0.72 -19.68 18.72
C ASP B 76 0.14 -18.60 17.83
N TRP B 77 1.03 -17.77 17.27
CA TRP B 77 0.59 -16.70 16.40
C TRP B 77 -0.17 -17.24 15.19
N LEU B 78 0.43 -18.20 14.50
CA LEU B 78 -0.19 -18.81 13.33
C LEU B 78 -1.48 -19.56 13.64
N ASN B 79 -1.66 -19.98 14.90
CA ASN B 79 -2.89 -20.68 15.28
C ASN B 79 -4.00 -19.73 15.69
N GLY B 80 -3.68 -18.45 15.77
CA GLY B 80 -4.71 -17.49 16.09
C GLY B 80 -4.84 -16.97 17.51
N LYS B 81 -3.92 -17.34 18.40
CA LYS B 81 -4.00 -16.84 19.78
C LYS B 81 -3.99 -15.32 19.78
N GLU B 82 -4.66 -14.72 20.76
CA GLU B 82 -4.71 -13.26 20.83
C GLU B 82 -3.73 -12.73 21.86
N TYR B 83 -3.17 -11.55 21.59
CA TYR B 83 -2.21 -10.94 22.49
C TYR B 83 -2.71 -9.59 22.98
N LYS B 84 -2.88 -9.48 24.30
CA LYS B 84 -3.35 -8.25 24.94
C LYS B 84 -2.29 -7.54 25.76
N CYS B 85 -2.16 -6.24 25.51
CA CYS B 85 -1.22 -5.42 26.24
C CYS B 85 -2.02 -4.40 27.05
N LYS B 86 -1.93 -4.47 28.37
CA LYS B 86 -2.65 -3.53 29.22
C LYS B 86 -1.68 -2.53 29.84
N VAL B 87 -1.87 -1.27 29.53
CA VAL B 87 -1.01 -0.20 30.04
C VAL B 87 -1.64 0.52 31.23
N SER B 88 -0.80 0.97 32.16
CA SER B 88 -1.29 1.65 33.36
C SER B 88 -0.45 2.88 33.72
N ASN B 89 -1.11 4.03 33.85
CA ASN B 89 -0.45 5.28 34.20
C ASN B 89 -1.42 6.17 34.97
N LYS B 90 -1.02 6.66 36.14
CA LYS B 90 -1.88 7.50 36.96
C LYS B 90 -2.39 8.72 36.19
N ALA B 91 -1.61 9.15 35.21
CA ALA B 91 -2.00 10.29 34.38
C ALA B 91 -2.99 9.80 33.32
N LEU B 92 -3.70 8.72 33.65
CA LEU B 92 -4.67 8.11 32.75
C LEU B 92 -5.84 7.57 33.57
N PRO B 93 -7.07 8.00 33.23
CA PRO B 93 -8.26 7.54 33.96
C PRO B 93 -8.24 6.04 34.20
N ALA B 94 -8.47 5.26 33.14
CA ALA B 94 -8.47 3.80 33.24
C ALA B 94 -7.36 3.23 32.35
N PRO B 95 -6.86 2.02 32.70
CA PRO B 95 -5.80 1.37 31.92
C PRO B 95 -6.22 1.12 30.47
N ILE B 96 -5.31 1.37 29.54
CA ILE B 96 -5.59 1.17 28.12
C ILE B 96 -5.28 -0.26 27.70
N GLU B 97 -6.20 -0.88 26.97
CA GLU B 97 -5.99 -2.24 26.49
C GLU B 97 -5.99 -2.31 24.97
N LYS B 98 -4.99 -3.00 24.43
CA LYS B 98 -4.86 -3.18 22.99
C LYS B 98 -4.70 -4.67 22.77
N THR B 99 -5.40 -5.20 21.77
CA THR B 99 -5.30 -6.63 21.48
C THR B 99 -4.98 -6.83 20.01
N ILE B 100 -4.20 -7.86 19.71
CA ILE B 100 -3.83 -8.14 18.34
C ILE B 100 -3.63 -9.63 18.12
N SER B 101 -3.85 -10.07 16.89
CA SER B 101 -3.70 -11.49 16.53
C SER B 101 -3.73 -11.62 15.02
N LYS B 102 -3.40 -12.81 14.53
CA LYS B 102 -3.43 -13.03 13.10
C LYS B 102 -4.87 -12.90 12.65
N ALA B 103 -5.08 -12.44 11.42
CA ALA B 103 -6.44 -12.29 10.89
C ALA B 103 -7.11 -13.65 10.76
N LYS B 104 -8.40 -13.68 11.08
CA LYS B 104 -9.18 -14.91 11.02
C LYS B 104 -9.47 -15.27 9.58
N GLY B 105 -9.72 -16.55 9.32
CA GLY B 105 -10.03 -17.00 7.98
C GLY B 105 -9.17 -18.14 7.47
N GLN B 106 -9.69 -18.80 6.43
CA GLN B 106 -8.99 -19.92 5.80
C GLN B 106 -7.80 -19.40 5.01
N PRO B 107 -6.58 -19.79 5.39
CA PRO B 107 -5.43 -19.29 4.62
C PRO B 107 -5.46 -19.81 3.17
N ARG B 108 -5.00 -18.95 2.24
CA ARG B 108 -4.95 -19.31 0.83
C ARG B 108 -3.53 -19.17 0.29
N GLU B 109 -3.14 -20.15 -0.50
CA GLU B 109 -1.83 -20.26 -1.10
C GLU B 109 -1.61 -19.21 -2.19
N PRO B 110 -0.56 -18.41 -2.06
CA PRO B 110 -0.32 -17.41 -3.11
C PRO B 110 0.20 -18.07 -4.40
N GLN B 111 -0.21 -17.52 -5.54
CA GLN B 111 0.23 -17.99 -6.84
C GLN B 111 1.25 -16.92 -7.26
N VAL B 112 2.45 -17.37 -7.62
CA VAL B 112 3.53 -16.47 -8.00
C VAL B 112 3.87 -16.52 -9.48
N TYR B 113 3.83 -15.36 -10.13
CA TYR B 113 4.09 -15.25 -11.56
C TYR B 113 5.10 -14.15 -11.88
N THR B 114 6.13 -14.48 -12.65
CA THR B 114 7.13 -13.49 -13.02
C THR B 114 6.85 -12.98 -14.41
N LEU B 115 6.94 -11.66 -14.60
CA LEU B 115 6.68 -11.05 -15.89
C LEU B 115 7.88 -10.28 -16.39
N PRO B 116 8.28 -10.52 -17.64
CA PRO B 116 9.42 -9.83 -18.22
C PRO B 116 9.09 -8.38 -18.54
N PRO B 117 10.10 -7.60 -18.94
CA PRO B 117 9.83 -6.19 -19.26
C PRO B 117 8.92 -6.11 -20.47
N SER B 118 8.18 -5.01 -20.58
CA SER B 118 7.31 -4.79 -21.74
C SER B 118 8.26 -4.48 -22.90
N ARG B 119 7.91 -4.92 -24.10
CA ARG B 119 8.77 -4.65 -25.26
C ARG B 119 9.10 -3.17 -25.36
N ASP B 120 8.15 -2.31 -25.02
CA ASP B 120 8.37 -0.86 -25.07
C ASP B 120 9.41 -0.36 -24.10
N GLU B 121 9.53 -1.04 -22.96
CA GLU B 121 10.48 -0.62 -21.95
C GLU B 121 11.91 -0.97 -22.36
N LEU B 122 12.04 -1.92 -23.29
CA LEU B 122 13.36 -2.33 -23.76
C LEU B 122 14.09 -1.22 -24.52
N THR B 123 13.41 -0.11 -24.78
CA THR B 123 14.02 1.01 -25.46
C THR B 123 14.81 1.79 -24.42
N LYS B 124 14.58 1.47 -23.15
CA LYS B 124 15.26 2.16 -22.05
C LYS B 124 16.52 1.42 -21.63
N ASN B 125 17.37 2.09 -20.85
CA ASN B 125 18.59 1.47 -20.37
C ASN B 125 18.33 0.73 -19.06
N GLN B 126 17.19 1.04 -18.46
CA GLN B 126 16.77 0.44 -17.21
C GLN B 126 15.42 -0.26 -17.46
N VAL B 127 15.27 -1.49 -16.98
CA VAL B 127 14.01 -2.20 -17.19
C VAL B 127 13.44 -2.80 -15.90
N SER B 128 12.15 -3.15 -15.96
CA SER B 128 11.46 -3.66 -14.80
C SER B 128 11.17 -5.16 -14.84
N LEU B 129 11.52 -5.84 -13.77
CA LEU B 129 11.22 -7.27 -13.67
C LEU B 129 10.07 -7.32 -12.70
N THR B 130 8.98 -7.94 -13.12
CA THR B 130 7.79 -7.96 -12.30
C THR B 130 7.42 -9.31 -11.70
N CYS B 131 7.05 -9.26 -10.42
CA CYS B 131 6.63 -10.46 -9.73
C CYS B 131 5.20 -10.28 -9.23
N LEU B 132 4.28 -11.03 -9.80
CA LEU B 132 2.90 -10.96 -9.39
C LEU B 132 2.64 -12.05 -8.37
N VAL B 133 2.09 -11.66 -7.22
CA VAL B 133 1.75 -12.63 -6.18
C VAL B 133 0.30 -12.37 -5.86
N LYS B 134 -0.56 -13.32 -6.21
CA LYS B 134 -2.00 -13.19 -5.97
C LYS B 134 -2.65 -14.40 -5.32
N GLY B 135 -3.88 -14.19 -4.88
CA GLY B 135 -4.67 -15.25 -4.27
C GLY B 135 -4.30 -15.66 -2.86
N PHE B 136 -3.41 -14.92 -2.21
CA PHE B 136 -3.03 -15.30 -0.86
C PHE B 136 -3.87 -14.71 0.26
N TYR B 137 -3.87 -15.43 1.39
CA TYR B 137 -4.58 -15.02 2.61
C TYR B 137 -3.97 -15.78 3.79
N PRO B 138 -3.73 -15.10 4.93
CA PRO B 138 -3.98 -13.66 5.21
C PRO B 138 -2.99 -12.82 4.40
N SER B 139 -3.01 -11.51 4.63
CA SER B 139 -2.14 -10.59 3.91
C SER B 139 -0.68 -10.55 4.35
N ASP B 140 -0.34 -11.24 5.44
CA ASP B 140 1.04 -11.28 5.94
C ASP B 140 1.89 -12.08 4.97
N ILE B 141 2.93 -11.46 4.44
CA ILE B 141 3.77 -12.11 3.46
C ILE B 141 5.08 -11.34 3.33
N ALA B 142 6.10 -11.97 2.74
CA ALA B 142 7.39 -11.34 2.53
C ALA B 142 7.84 -11.69 1.12
N VAL B 143 8.46 -10.74 0.43
CA VAL B 143 8.93 -10.96 -0.93
C VAL B 143 10.35 -10.44 -1.12
N GLU B 144 11.19 -11.25 -1.77
CA GLU B 144 12.59 -10.89 -2.05
C GLU B 144 13.04 -11.25 -3.48
N TRP B 145 14.17 -10.68 -3.90
CA TRP B 145 14.68 -10.99 -5.23
C TRP B 145 16.14 -11.39 -5.17
N GLU B 146 16.53 -12.21 -6.14
CA GLU B 146 17.90 -12.67 -6.27
C GLU B 146 18.24 -12.74 -7.75
N SER B 147 19.52 -12.93 -8.02
CA SER B 147 20.00 -13.09 -9.38
C SER B 147 21.12 -14.08 -9.22
N ASN B 148 20.98 -15.21 -9.90
CA ASN B 148 21.98 -16.26 -9.85
C ASN B 148 22.24 -16.69 -8.41
N GLY B 149 21.16 -16.76 -7.62
CA GLY B 149 21.29 -17.17 -6.23
C GLY B 149 21.85 -16.13 -5.29
N GLN B 150 22.09 -14.93 -5.80
CA GLN B 150 22.63 -13.86 -4.97
C GLN B 150 21.60 -12.76 -4.73
N PRO B 151 21.74 -12.05 -3.61
CA PRO B 151 20.83 -10.96 -3.22
C PRO B 151 20.76 -9.79 -4.19
N GLU B 152 19.54 -9.35 -4.47
CA GLU B 152 19.29 -8.20 -5.34
C GLU B 152 18.56 -7.21 -4.42
N ASN B 153 19.04 -5.97 -4.38
CA ASN B 153 18.44 -4.97 -3.50
C ASN B 153 17.59 -3.87 -4.14
N ASN B 154 17.74 -3.63 -5.43
CA ASN B 154 17.00 -2.57 -6.11
C ASN B 154 15.54 -2.87 -6.49
N TYR B 155 14.73 -3.29 -5.53
CA TYR B 155 13.34 -3.60 -5.80
C TYR B 155 12.43 -2.90 -4.80
N LYS B 156 11.18 -2.70 -5.21
CA LYS B 156 10.15 -2.08 -4.38
C LYS B 156 8.94 -3.01 -4.49
N THR B 157 8.23 -3.21 -3.38
CA THR B 157 7.07 -4.07 -3.38
C THR B 157 5.83 -3.31 -2.93
N THR B 158 4.70 -3.51 -3.63
CA THR B 158 3.48 -2.83 -3.24
C THR B 158 2.89 -3.47 -1.99
N PRO B 159 2.06 -2.74 -1.23
CA PRO B 159 1.47 -3.34 -0.03
C PRO B 159 0.44 -4.34 -0.56
N PRO B 160 -0.08 -5.21 0.31
CA PRO B 160 -1.08 -6.14 -0.22
C PRO B 160 -2.36 -5.38 -0.56
N VAL B 161 -3.09 -5.84 -1.57
CA VAL B 161 -4.32 -5.19 -1.99
C VAL B 161 -5.45 -6.22 -1.98
N LEU B 162 -6.57 -5.85 -1.38
CA LEU B 162 -7.73 -6.73 -1.32
C LEU B 162 -8.32 -6.93 -2.72
N ASP B 163 -8.40 -8.18 -3.15
CA ASP B 163 -8.92 -8.52 -4.48
C ASP B 163 -10.43 -8.83 -4.39
N SER B 164 -11.09 -8.82 -5.54
CA SER B 164 -12.53 -9.04 -5.59
C SER B 164 -13.03 -10.42 -5.11
N ASP B 165 -12.11 -11.36 -4.91
CA ASP B 165 -12.49 -12.70 -4.47
C ASP B 165 -12.22 -12.97 -2.98
N GLY B 166 -11.94 -11.92 -2.22
CA GLY B 166 -11.68 -12.06 -0.81
C GLY B 166 -10.22 -12.29 -0.47
N SER B 167 -9.38 -12.53 -1.48
CA SER B 167 -7.95 -12.76 -1.26
C SER B 167 -7.17 -11.50 -1.59
N PHE B 168 -5.88 -11.52 -1.29
CA PHE B 168 -5.00 -10.38 -1.57
C PHE B 168 -4.02 -10.70 -2.68
N PHE B 169 -3.45 -9.65 -3.25
CA PHE B 169 -2.42 -9.76 -4.28
C PHE B 169 -1.49 -8.59 -4.09
N LEU B 170 -0.31 -8.66 -4.70
CA LEU B 170 0.64 -7.57 -4.65
C LEU B 170 1.58 -7.74 -5.83
N TYR B 171 2.39 -6.73 -6.08
CA TYR B 171 3.34 -6.80 -7.16
C TYR B 171 4.67 -6.35 -6.57
N SER B 172 5.74 -6.96 -7.06
CA SER B 172 7.08 -6.58 -6.65
C SER B 172 7.82 -6.26 -7.93
N LYS B 173 8.48 -5.10 -7.95
CA LYS B 173 9.22 -4.64 -9.11
C LYS B 173 10.73 -4.52 -8.84
N LEU B 174 11.51 -5.24 -9.63
CA LEU B 174 12.97 -5.19 -9.54
C LEU B 174 13.46 -4.40 -10.75
N THR B 175 14.25 -3.38 -10.50
CA THR B 175 14.79 -2.58 -11.58
C THR B 175 16.24 -2.98 -11.85
N VAL B 176 16.54 -3.30 -13.10
CA VAL B 176 17.89 -3.68 -13.48
C VAL B 176 18.30 -3.02 -14.79
N ASP B 177 19.60 -2.95 -15.02
CA ASP B 177 20.10 -2.38 -16.26
C ASP B 177 19.69 -3.35 -17.36
N LYS B 178 19.24 -2.81 -18.49
CA LYS B 178 18.82 -3.65 -19.60
C LYS B 178 19.89 -4.66 -20.01
N SER B 179 21.15 -4.24 -19.98
CA SER B 179 22.24 -5.12 -20.35
C SER B 179 22.32 -6.38 -19.48
N ARG B 180 22.01 -6.27 -18.19
CA ARG B 180 22.05 -7.44 -17.32
C ARG B 180 20.88 -8.36 -17.66
N TRP B 181 19.79 -7.80 -18.15
CA TRP B 181 18.64 -8.60 -18.52
C TRP B 181 18.95 -9.38 -19.79
N GLN B 182 19.49 -8.66 -20.77
CA GLN B 182 19.83 -9.25 -22.05
C GLN B 182 20.98 -10.25 -22.01
N GLN B 183 21.78 -10.23 -20.94
CA GLN B 183 22.91 -11.16 -20.85
C GLN B 183 22.60 -12.52 -20.26
N GLY B 184 21.31 -12.80 -20.03
CA GLY B 184 20.94 -14.11 -19.52
C GLY B 184 20.91 -14.36 -18.03
N ASN B 185 21.25 -13.37 -17.23
CA ASN B 185 21.20 -13.53 -15.79
C ASN B 185 19.87 -14.15 -15.42
N VAL B 186 19.86 -15.02 -14.43
CA VAL B 186 18.60 -15.63 -14.02
C VAL B 186 18.14 -14.96 -12.75
N PHE B 187 17.03 -14.23 -12.85
CA PHE B 187 16.50 -13.55 -11.69
C PHE B 187 15.44 -14.43 -11.06
N SER B 188 15.22 -14.24 -9.77
CA SER B 188 14.21 -15.04 -9.10
C SER B 188 13.52 -14.23 -8.01
N CYS B 189 12.21 -14.44 -7.93
CA CYS B 189 11.36 -13.79 -6.96
C CYS B 189 11.05 -14.82 -5.88
N SER B 190 11.39 -14.52 -4.63
CA SER B 190 11.16 -15.41 -3.48
C SER B 190 10.00 -14.92 -2.63
N VAL B 191 9.10 -15.82 -2.26
CA VAL B 191 7.93 -15.45 -1.46
C VAL B 191 7.78 -16.31 -0.21
N MET B 192 7.52 -15.67 0.92
CA MET B 192 7.32 -16.41 2.16
C MET B 192 5.92 -16.12 2.69
N HIS B 193 5.16 -17.20 2.90
CA HIS B 193 3.79 -17.10 3.36
C HIS B 193 3.46 -18.41 4.04
N GLU B 194 2.57 -18.37 5.03
CA GLU B 194 2.19 -19.57 5.78
C GLU B 194 1.55 -20.66 4.93
N ALA B 195 0.71 -20.25 3.98
CA ALA B 195 0.02 -21.20 3.11
C ALA B 195 0.89 -21.79 2.00
N LEU B 196 2.20 -21.59 2.08
CA LEU B 196 3.11 -22.16 1.08
C LEU B 196 3.78 -23.37 1.72
N HIS B 197 4.23 -24.30 0.89
CA HIS B 197 4.92 -25.49 1.38
C HIS B 197 6.25 -25.05 1.95
N ASN B 198 6.54 -25.47 3.17
CA ASN B 198 7.79 -25.08 3.79
C ASN B 198 7.77 -23.56 3.94
N HIS B 199 6.59 -22.94 3.81
CA HIS B 199 6.44 -21.50 3.95
C HIS B 199 7.28 -20.72 2.92
N TYR B 200 7.68 -21.39 1.85
CA TYR B 200 8.52 -20.74 0.87
C TYR B 200 8.40 -21.25 -0.56
N THR B 201 8.58 -20.33 -1.50
CA THR B 201 8.54 -20.66 -2.91
C THR B 201 9.30 -19.57 -3.65
N GLN B 202 9.68 -19.85 -4.89
CA GLN B 202 10.37 -18.86 -5.70
C GLN B 202 10.20 -19.18 -7.18
N LYS B 203 10.04 -18.13 -7.98
CA LYS B 203 9.88 -18.27 -9.42
C LYS B 203 11.04 -17.59 -10.12
N SER B 204 11.59 -18.25 -11.13
CA SER B 204 12.70 -17.70 -11.87
C SER B 204 12.19 -16.90 -13.04
N LEU B 205 13.05 -16.04 -13.57
CA LEU B 205 12.71 -15.17 -14.70
C LEU B 205 14.02 -14.79 -15.39
N SER B 206 14.11 -15.05 -16.68
CA SER B 206 15.29 -14.73 -17.45
C SER B 206 14.92 -14.57 -18.91
N LEU B 207 15.76 -13.87 -19.68
CA LEU B 207 15.49 -13.66 -21.09
C LEU B 207 15.41 -14.99 -21.83
N SER B 208 14.27 -15.24 -22.46
CA SER B 208 14.06 -16.48 -23.21
C SER B 208 14.85 -16.48 -24.50
#